data_1MOS
#
_entry.id   1MOS
#
_cell.length_a   143.900
_cell.length_b   143.900
_cell.length_c   172.800
_cell.angle_alpha   90.00
_cell.angle_beta   90.00
_cell.angle_gamma   120.00
#
_symmetry.space_group_name_H-M   'H 3 2'
#
loop_
_entity.id
_entity.type
_entity.pdbx_description
1 polymer 'GLUCOSAMINE 6-PHOSPHATE SYNTHASE'
2 non-polymer 'SULFATE ION'
3 non-polymer 'SODIUM ION'
4 non-polymer '2-DEOXY-2-AMINO GLUCITOL-6-PHOSPHATE'
5 non-polymer '2-(N-MORPHOLINO)-ETHANESULFONIC ACID'
6 water water
#
_entity_poly.entity_id   1
_entity_poly.type   'polypeptide(L)'
_entity_poly.pdbx_seq_one_letter_code
;DAGDKGIYRHYMQKEIYEQPNAIKNTLTGRISHGQVDLSELGPNADELLSKVEHIQILACGTSYNSGMVSRYWFESLAGI
PCDVEIASEFRYRKSAVRRNSLMITLSQSGETADTLAGLRLSKELGYLGSLAICNVPGSSLVRESDLALMTNAGTEIGVA
STKAFTTQLTVLLMLVAKLSRLKGLDASIEHDIVHGLQALPSRIEQMLSQDKRIEALAEDFSDKHHALFLGRGDQYPIAL
EGALKLKEISYIHAEAYAAGELKHGPLALIDADMPVIVVAPNNELLEKLKSNIEEVRARGGQLYVFADQDAGFVSSDNMH
IIEMPHVEEVIAPIFYTVPLQLLAYHVALIKGTDVDQPRNLAKSVTVE
;
_entity_poly.pdbx_strand_id   A
#
# COMPACT_ATOMS: atom_id res chain seq x y z
N ALA A 2 7.89 -23.66 -7.76
CA ALA A 2 7.63 -22.31 -7.20
C ALA A 2 8.35 -22.04 -5.88
N GLY A 3 8.65 -23.09 -5.12
CA GLY A 3 9.37 -22.88 -3.86
C GLY A 3 8.75 -23.59 -2.66
N ASP A 4 9.58 -23.80 -1.65
CA ASP A 4 9.15 -24.47 -0.42
C ASP A 4 8.22 -23.57 0.39
N LYS A 5 7.05 -24.08 0.79
CA LYS A 5 6.17 -23.24 1.61
C LYS A 5 6.55 -23.38 3.09
N GLY A 6 7.39 -24.36 3.39
CA GLY A 6 7.78 -24.58 4.78
C GLY A 6 6.56 -24.94 5.61
N ILE A 7 6.28 -24.19 6.66
CA ILE A 7 5.16 -24.51 7.53
C ILE A 7 3.85 -23.85 7.12
N TYR A 8 3.89 -22.90 6.19
CA TYR A 8 2.65 -22.20 5.79
C TYR A 8 1.78 -23.01 4.86
N ARG A 9 0.47 -22.77 4.89
CA ARG A 9 -0.41 -23.56 4.00
C ARG A 9 -0.35 -23.05 2.55
N HIS A 10 -0.17 -21.76 2.38
CA HIS A 10 -0.16 -21.08 1.10
C HIS A 10 1.06 -20.18 0.95
N TYR A 11 1.47 -19.92 -0.30
CA TYR A 11 2.53 -18.95 -0.54
C TYR A 11 2.15 -17.60 0.00
N MET A 12 0.87 -17.20 -0.20
CA MET A 12 0.50 -15.88 0.28
C MET A 12 0.74 -15.74 1.82
N GLN A 13 0.29 -16.74 2.57
CA GLN A 13 0.37 -16.65 4.05
C GLN A 13 1.86 -16.48 4.41
N LYS A 14 2.65 -17.34 3.78
CA LYS A 14 4.10 -17.29 3.92
C LYS A 14 4.63 -15.90 3.64
N GLU A 15 4.18 -15.32 2.51
CA GLU A 15 4.68 -14.02 2.10
C GLU A 15 4.21 -12.95 3.04
N ILE A 16 3.04 -13.20 3.66
CA ILE A 16 2.56 -12.18 4.62
C ILE A 16 3.48 -12.27 5.88
N TYR A 17 3.80 -13.50 6.28
CA TYR A 17 4.65 -13.68 7.47
C TYR A 17 6.11 -13.34 7.21
N GLU A 18 6.54 -13.24 5.96
CA GLU A 18 7.90 -12.86 5.61
C GLU A 18 8.05 -11.35 5.63
N GLN A 19 6.93 -10.62 5.80
CA GLN A 19 7.05 -9.17 5.75
C GLN A 19 8.14 -8.55 6.60
N PRO A 20 8.26 -8.84 7.89
CA PRO A 20 9.32 -8.32 8.77
C PRO A 20 10.70 -8.59 8.18
N ASN A 21 11.01 -9.83 7.83
CA ASN A 21 12.32 -10.13 7.26
C ASN A 21 12.51 -9.47 5.90
N ALA A 22 11.41 -9.40 5.12
CA ALA A 22 11.46 -8.74 3.82
C ALA A 22 11.80 -7.27 3.96
N ILE A 23 11.06 -6.56 4.85
CA ILE A 23 11.34 -5.15 5.05
C ILE A 23 12.76 -4.94 5.59
N LYS A 24 13.24 -5.90 6.38
CA LYS A 24 14.61 -5.82 6.92
C LYS A 24 15.60 -5.85 5.75
N ASN A 25 15.40 -6.87 4.91
CA ASN A 25 16.21 -7.09 3.73
C ASN A 25 16.20 -5.87 2.83
N THR A 26 15.08 -5.20 2.68
CA THR A 26 15.01 -3.99 1.85
C THR A 26 15.78 -2.83 2.45
N LEU A 27 15.94 -2.82 3.77
CA LEU A 27 16.61 -1.70 4.44
C LEU A 27 18.13 -1.92 4.41
N THR A 28 18.50 -3.18 4.27
CA THR A 28 19.91 -3.58 4.23
C THR A 28 20.72 -2.79 3.22
N GLY A 29 21.89 -2.30 3.66
CA GLY A 29 22.78 -1.51 2.82
C GLY A 29 22.28 -0.11 2.59
N ARG A 30 21.02 0.18 2.94
CA ARG A 30 20.46 1.51 2.65
C ARG A 30 20.36 2.45 3.82
N ILE A 31 20.73 1.97 5.02
CA ILE A 31 20.68 2.90 6.17
C ILE A 31 22.15 3.03 6.62
N SER A 32 22.70 4.23 6.53
CA SER A 32 24.12 4.38 6.91
C SER A 32 24.22 5.55 7.90
N HIS A 33 24.57 5.20 9.14
CA HIS A 33 24.70 6.21 10.18
C HIS A 33 23.43 7.05 10.30
N GLY A 34 22.30 6.35 10.41
CA GLY A 34 21.00 6.97 10.58
C GLY A 34 20.44 7.75 9.43
N GLN A 35 21.02 7.58 8.24
CA GLN A 35 20.52 8.33 7.08
C GLN A 35 20.34 7.39 5.90
N VAL A 36 19.42 7.81 5.01
CA VAL A 36 19.18 6.92 3.85
C VAL A 36 20.34 7.01 2.89
N ASP A 37 20.87 5.84 2.56
CA ASP A 37 22.01 5.72 1.68
C ASP A 37 21.63 5.02 0.38
N LEU A 38 21.36 5.85 -0.63
CA LEU A 38 20.98 5.34 -1.95
C LEU A 38 22.15 5.35 -2.93
N SER A 39 23.37 5.39 -2.40
CA SER A 39 24.58 5.39 -3.20
C SER A 39 24.64 4.23 -4.18
N GLU A 40 23.78 3.23 -4.04
CA GLU A 40 23.76 2.14 -5.02
C GLU A 40 23.32 2.67 -6.40
N LEU A 41 22.77 3.88 -6.44
CA LEU A 41 22.30 4.46 -7.68
C LEU A 41 23.42 5.08 -8.52
N GLY A 42 24.60 5.26 -7.93
CA GLY A 42 25.72 5.84 -8.65
C GLY A 42 25.99 7.29 -8.28
N PRO A 43 27.11 7.81 -8.76
CA PRO A 43 27.62 9.14 -8.49
C PRO A 43 26.82 10.30 -9.05
N ASN A 44 26.07 10.10 -10.12
CA ASN A 44 25.30 11.21 -10.69
C ASN A 44 23.85 11.22 -10.26
N ALA A 45 23.45 10.17 -9.55
CA ALA A 45 22.08 10.04 -9.06
C ALA A 45 21.59 11.29 -8.35
N ASP A 46 22.35 11.74 -7.36
CA ASP A 46 21.96 12.93 -6.60
C ASP A 46 21.82 14.18 -7.43
N GLU A 47 22.59 14.28 -8.50
CA GLU A 47 22.52 15.46 -9.38
C GLU A 47 21.11 15.52 -9.99
N LEU A 48 20.74 14.37 -10.57
CA LEU A 48 19.40 14.23 -11.17
C LEU A 48 18.33 14.53 -10.12
N LEU A 49 18.32 13.70 -9.07
CA LEU A 49 17.34 13.83 -7.98
C LEU A 49 17.15 15.20 -7.44
N SER A 50 18.26 15.95 -7.23
CA SER A 50 18.14 17.32 -6.74
C SER A 50 17.44 18.20 -7.77
N LYS A 51 17.43 17.79 -9.02
CA LYS A 51 16.76 18.62 -10.03
C LYS A 51 15.25 18.46 -9.98
N VAL A 52 14.80 17.29 -9.50
CA VAL A 52 13.35 17.02 -9.49
C VAL A 52 12.47 18.03 -8.82
N GLU A 53 11.42 18.49 -9.49
CA GLU A 53 10.45 19.41 -9.00
C GLU A 53 9.03 18.78 -8.99
N HIS A 54 8.93 17.59 -9.56
CA HIS A 54 7.58 16.97 -9.64
C HIS A 54 7.86 15.49 -9.77
N ILE A 55 6.97 14.67 -9.19
CA ILE A 55 7.25 13.22 -9.33
C ILE A 55 5.99 12.64 -10.01
N GLN A 56 6.20 11.76 -10.97
CA GLN A 56 5.08 11.14 -11.67
C GLN A 56 5.25 9.65 -11.45
N ILE A 57 4.14 9.03 -10.97
CA ILE A 57 4.23 7.60 -10.73
C ILE A 57 3.19 6.85 -11.58
N LEU A 58 3.62 5.73 -12.15
CA LEU A 58 2.72 4.94 -12.95
C LEU A 58 2.81 3.49 -12.43
N ALA A 59 1.63 2.85 -12.40
CA ALA A 59 1.58 1.45 -12.05
C ALA A 59 0.14 0.95 -12.21
N CYS A 60 -0.09 -0.34 -11.97
CA CYS A 60 -1.45 -0.88 -12.01
C CYS A 60 -1.71 -1.63 -10.69
N GLY A 61 -2.95 -1.92 -10.40
CA GLY A 61 -3.31 -2.83 -9.31
C GLY A 61 -2.71 -2.41 -7.95
N THR A 62 -2.15 -3.40 -7.29
CA THR A 62 -1.58 -3.17 -5.94
C THR A 62 -0.41 -2.19 -6.02
N SER A 63 0.41 -2.25 -7.09
CA SER A 63 1.45 -1.23 -7.26
C SER A 63 0.97 0.18 -7.40
N TYR A 64 -0.23 0.42 -7.93
CA TYR A 64 -0.74 1.79 -8.00
C TYR A 64 -1.13 2.25 -6.58
N ASN A 65 -1.62 1.27 -5.80
CA ASN A 65 -2.07 1.61 -4.41
C ASN A 65 -0.79 2.06 -3.65
N SER A 66 0.34 1.34 -3.84
CA SER A 66 1.55 1.81 -3.10
C SER A 66 1.95 3.20 -3.54
N GLY A 67 1.85 3.47 -4.85
CA GLY A 67 2.16 4.84 -5.31
C GLY A 67 1.27 5.85 -4.72
N MET A 68 -0.04 5.52 -4.60
CA MET A 68 -0.97 6.48 -4.02
C MET A 68 -0.63 6.85 -2.55
N VAL A 69 -0.19 5.85 -1.80
CA VAL A 69 0.20 6.18 -0.41
C VAL A 69 1.37 7.20 -0.50
N SER A 70 2.40 6.78 -1.20
CA SER A 70 3.59 7.62 -1.35
C SER A 70 3.34 9.05 -1.76
N ARG A 71 2.27 9.33 -2.51
CA ARG A 71 2.04 10.73 -2.92
C ARG A 71 1.83 11.58 -1.67
N TYR A 72 1.12 11.03 -0.68
CA TYR A 72 0.88 11.84 0.53
C TYR A 72 2.24 12.08 1.25
N TRP A 73 3.13 11.12 1.19
CA TRP A 73 4.44 11.30 1.82
C TRP A 73 5.28 12.33 1.07
N PHE A 74 5.40 12.18 -0.27
CA PHE A 74 6.20 13.08 -1.06
C PHE A 74 5.74 14.51 -0.87
N GLU A 75 4.43 14.74 -0.88
CA GLU A 75 3.95 16.11 -0.71
C GLU A 75 4.04 16.62 0.72
N SER A 76 3.67 15.82 1.74
CA SER A 76 3.56 16.37 3.10
C SER A 76 4.93 16.47 3.75
N LEU A 77 5.82 15.55 3.47
CA LEU A 77 7.15 15.48 4.00
C LEU A 77 8.26 16.06 3.14
N ALA A 78 8.30 15.74 1.83
CA ALA A 78 9.38 16.31 1.03
C ALA A 78 8.97 17.58 0.33
N GLY A 79 7.73 17.98 0.44
CA GLY A 79 7.21 19.19 -0.20
C GLY A 79 7.22 19.13 -1.73
N ILE A 80 7.30 17.95 -2.33
CA ILE A 80 7.35 17.79 -3.76
C ILE A 80 6.05 17.32 -4.40
N PRO A 81 5.54 18.09 -5.34
CA PRO A 81 4.35 17.77 -6.13
C PRO A 81 4.43 16.38 -6.70
N CYS A 82 3.37 15.57 -6.50
CA CYS A 82 3.42 14.17 -6.94
C CYS A 82 2.06 13.78 -7.55
N ASP A 83 2.13 13.02 -8.64
CA ASP A 83 0.86 12.57 -9.26
C ASP A 83 1.04 11.09 -9.49
N VAL A 84 -0.05 10.32 -9.30
CA VAL A 84 0.07 8.88 -9.48
C VAL A 84 -1.02 8.49 -10.51
N GLU A 85 -0.66 7.62 -11.45
CA GLU A 85 -1.81 7.37 -12.42
C GLU A 85 -1.83 5.94 -12.81
N ILE A 86 -3.03 5.39 -13.06
CA ILE A 86 -3.08 3.98 -13.54
C ILE A 86 -2.31 3.91 -14.85
N ALA A 87 -1.46 2.93 -15.04
CA ALA A 87 -0.59 2.90 -16.20
C ALA A 87 -1.33 2.91 -17.54
N SER A 88 -2.40 2.13 -17.65
CA SER A 88 -3.23 2.10 -18.86
C SER A 88 -3.79 3.47 -19.14
N GLU A 89 -4.25 4.24 -18.15
CA GLU A 89 -4.77 5.57 -18.41
C GLU A 89 -3.73 6.55 -18.95
N PHE A 90 -2.51 6.45 -18.41
CA PHE A 90 -1.45 7.34 -18.86
C PHE A 90 -1.08 7.09 -20.33
N ARG A 91 -0.87 5.81 -20.61
CA ARG A 91 -0.43 5.37 -21.91
C ARG A 91 -1.39 5.69 -23.05
N TYR A 92 -2.68 5.91 -22.83
CA TYR A 92 -3.61 6.21 -23.90
C TYR A 92 -4.06 7.63 -23.95
N ARG A 93 -3.46 8.53 -23.15
CA ARG A 93 -3.93 9.90 -23.20
C ARG A 93 -2.74 10.81 -23.57
N LYS A 94 -3.13 12.00 -23.99
CA LYS A 94 -2.08 12.99 -24.31
C LYS A 94 -1.95 13.79 -23.02
N SER A 95 -0.79 13.64 -22.39
CA SER A 95 -0.63 14.35 -21.10
C SER A 95 0.20 15.61 -21.16
N ALA A 96 -0.02 16.44 -20.13
CA ALA A 96 0.80 17.66 -19.97
C ALA A 96 1.95 17.34 -19.03
N VAL A 97 3.15 17.09 -19.53
CA VAL A 97 4.29 16.78 -18.68
C VAL A 97 4.74 18.00 -17.87
N ARG A 98 5.10 17.76 -16.60
CA ARG A 98 5.47 18.86 -15.72
C ARG A 98 6.95 19.19 -15.83
N ARG A 99 7.26 20.44 -15.47
CA ARG A 99 8.70 20.82 -15.51
C ARG A 99 9.51 19.92 -14.59
N ASN A 100 10.70 19.51 -15.00
CA ASN A 100 11.58 18.68 -14.23
C ASN A 100 10.83 17.59 -13.46
N SER A 101 10.13 16.74 -14.19
CA SER A 101 9.41 15.63 -13.61
C SER A 101 10.20 14.35 -13.63
N LEU A 102 10.22 13.62 -12.49
CA LEU A 102 10.90 12.34 -12.43
C LEU A 102 9.78 11.28 -12.63
N MET A 103 10.07 10.28 -13.44
CA MET A 103 9.05 9.27 -13.76
C MET A 103 9.39 8.02 -12.95
N ILE A 104 8.41 7.59 -12.14
CA ILE A 104 8.73 6.38 -11.36
C ILE A 104 7.73 5.29 -11.70
N THR A 105 8.22 4.07 -11.92
CA THR A 105 7.27 2.99 -12.14
C THR A 105 7.38 2.04 -10.92
N LEU A 106 6.24 1.56 -10.47
CA LEU A 106 6.27 0.54 -9.39
C LEU A 106 5.76 -0.76 -9.95
N SER A 107 6.48 -1.83 -9.79
CA SER A 107 6.01 -3.10 -10.32
C SER A 107 6.71 -4.25 -9.63
N GLN A 108 5.92 -5.23 -9.16
CA GLN A 108 6.55 -6.38 -8.51
C GLN A 108 7.35 -7.15 -9.56
N SER A 109 6.64 -7.52 -10.62
CA SER A 109 7.24 -8.32 -11.68
C SER A 109 8.16 -7.57 -12.62
N GLY A 110 8.00 -6.28 -12.83
CA GLY A 110 8.85 -5.56 -13.78
C GLY A 110 8.47 -5.85 -15.25
N GLU A 111 7.34 -6.48 -15.51
CA GLU A 111 6.95 -6.91 -16.84
C GLU A 111 5.54 -6.46 -17.22
N THR A 112 4.77 -5.94 -16.29
CA THR A 112 3.39 -5.49 -16.55
C THR A 112 3.33 -4.64 -17.82
N ALA A 113 2.53 -5.06 -18.80
CA ALA A 113 2.55 -4.41 -20.12
C ALA A 113 2.13 -2.97 -20.06
N ASP A 114 1.05 -2.66 -19.32
CA ASP A 114 0.64 -1.25 -19.27
C ASP A 114 1.75 -0.39 -18.70
N THR A 115 2.38 -0.88 -17.61
CA THR A 115 3.40 -0.03 -16.94
C THR A 115 4.62 0.12 -17.83
N LEU A 116 5.06 -0.98 -18.41
CA LEU A 116 6.20 -0.97 -19.34
C LEU A 116 5.91 -0.01 -20.50
N ALA A 117 4.67 -0.01 -21.00
CA ALA A 117 4.30 0.93 -22.06
C ALA A 117 4.33 2.36 -21.59
N GLY A 118 3.81 2.64 -20.39
CA GLY A 118 3.80 4.05 -19.92
C GLY A 118 5.27 4.51 -19.81
N LEU A 119 6.14 3.58 -19.43
CA LEU A 119 7.56 3.96 -19.34
C LEU A 119 8.15 4.27 -20.73
N ARG A 120 7.95 3.35 -21.66
CA ARG A 120 8.47 3.54 -23.04
C ARG A 120 7.99 4.87 -23.60
N LEU A 121 6.69 5.13 -23.57
CA LEU A 121 6.13 6.38 -23.98
C LEU A 121 6.76 7.60 -23.33
N SER A 122 7.07 7.50 -22.04
CA SER A 122 7.53 8.65 -21.27
C SER A 122 8.89 9.13 -21.79
N LYS A 123 9.70 8.23 -22.30
CA LYS A 123 11.02 8.60 -22.80
C LYS A 123 10.95 9.68 -23.88
N GLU A 124 9.85 9.72 -24.60
CA GLU A 124 9.66 10.69 -25.67
C GLU A 124 8.85 11.89 -25.24
N LEU A 125 8.54 11.99 -23.95
CA LEU A 125 7.74 13.10 -23.47
C LEU A 125 8.46 14.18 -22.70
N GLY A 126 9.77 14.07 -22.49
CA GLY A 126 10.46 15.14 -21.79
C GLY A 126 10.54 15.04 -20.28
N TYR A 127 10.68 13.84 -19.74
CA TYR A 127 10.86 13.62 -18.31
C TYR A 127 12.35 13.74 -17.97
N LEU A 128 12.71 14.20 -16.78
CA LEU A 128 14.11 14.28 -16.40
C LEU A 128 14.78 12.92 -16.51
N GLY A 129 14.02 11.88 -16.17
CA GLY A 129 14.62 10.51 -16.21
C GLY A 129 13.65 9.56 -15.50
N SER A 130 13.97 8.27 -15.53
CA SER A 130 13.09 7.28 -14.96
C SER A 130 13.73 6.43 -13.87
N LEU A 131 12.89 6.05 -12.89
CA LEU A 131 13.39 5.20 -11.79
C LEU A 131 12.46 4.02 -11.63
N ALA A 132 12.95 2.79 -11.68
CA ALA A 132 12.09 1.65 -11.48
C ALA A 132 12.21 1.11 -10.02
N ILE A 133 11.07 0.98 -9.35
CA ILE A 133 11.12 0.28 -8.04
C ILE A 133 10.50 -1.07 -8.37
N CYS A 134 11.30 -2.12 -8.26
CA CYS A 134 10.81 -3.44 -8.66
C CYS A 134 11.31 -4.58 -7.83
N ASN A 135 10.65 -5.73 -7.86
CA ASN A 135 11.07 -6.86 -7.04
C ASN A 135 11.72 -7.96 -7.86
N VAL A 136 11.78 -7.77 -9.18
CA VAL A 136 12.37 -8.78 -10.07
C VAL A 136 13.55 -8.13 -10.82
N PRO A 137 14.73 -8.68 -10.57
CA PRO A 137 15.97 -8.21 -11.15
C PRO A 137 16.03 -8.62 -12.62
N GLY A 138 16.64 -7.79 -13.46
CA GLY A 138 16.81 -8.14 -14.87
C GLY A 138 15.50 -8.15 -15.63
N SER A 139 14.44 -7.62 -15.03
CA SER A 139 13.13 -7.59 -15.67
C SER A 139 13.09 -6.39 -16.61
N SER A 140 12.13 -6.36 -17.55
CA SER A 140 12.13 -5.25 -18.50
C SER A 140 12.08 -3.87 -17.88
N LEU A 141 11.23 -3.66 -16.85
CA LEU A 141 11.10 -2.27 -16.35
C LEU A 141 12.42 -1.80 -15.74
N VAL A 142 13.15 -2.77 -15.19
CA VAL A 142 14.44 -2.47 -14.56
C VAL A 142 15.45 -2.13 -15.68
N ARG A 143 15.57 -3.05 -16.64
CA ARG A 143 16.54 -2.83 -17.72
C ARG A 143 16.31 -1.50 -18.41
N GLU A 144 15.06 -1.16 -18.74
CA GLU A 144 14.79 0.06 -19.48
C GLU A 144 14.70 1.33 -18.69
N SER A 145 14.85 1.32 -17.36
CA SER A 145 14.73 2.62 -16.66
C SER A 145 16.13 3.18 -16.45
N ASP A 146 16.25 4.48 -16.21
CA ASP A 146 17.59 5.04 -15.96
C ASP A 146 18.16 4.46 -14.66
N LEU A 147 17.36 4.54 -13.61
CA LEU A 147 17.70 4.05 -12.29
C LEU A 147 16.72 2.96 -11.82
N ALA A 148 17.14 2.10 -10.91
CA ALA A 148 16.31 1.09 -10.31
C ALA A 148 16.66 0.91 -8.82
N LEU A 149 15.68 0.72 -7.98
CA LEU A 149 15.83 0.44 -6.55
C LEU A 149 15.08 -0.87 -6.30
N MET A 150 15.76 -1.99 -6.16
CA MET A 150 15.06 -3.26 -5.98
C MET A 150 14.49 -3.39 -4.57
N THR A 151 13.35 -4.08 -4.44
CA THR A 151 12.69 -4.15 -3.14
C THR A 151 13.31 -5.28 -2.31
N ASN A 152 13.90 -6.25 -3.00
CA ASN A 152 14.55 -7.38 -2.34
C ASN A 152 13.68 -8.11 -1.34
N ALA A 153 12.44 -8.38 -1.72
CA ALA A 153 11.51 -9.07 -0.83
C ALA A 153 11.60 -10.56 -0.96
N GLY A 154 12.44 -11.00 -1.91
CA GLY A 154 12.48 -12.43 -2.25
C GLY A 154 11.28 -12.66 -3.21
N THR A 155 11.21 -13.81 -3.87
CA THR A 155 10.13 -14.08 -4.81
C THR A 155 8.75 -14.15 -4.16
N GLU A 156 7.79 -13.59 -4.89
CA GLU A 156 6.39 -13.57 -4.45
C GLU A 156 5.58 -14.43 -5.41
N ILE A 157 5.08 -15.55 -4.92
CA ILE A 157 4.39 -16.53 -5.75
C ILE A 157 2.89 -16.33 -5.69
N GLY A 158 2.41 -15.86 -4.53
CA GLY A 158 0.97 -15.63 -4.39
C GLY A 158 0.52 -14.56 -5.37
N VAL A 159 -0.61 -14.82 -6.05
CA VAL A 159 -1.07 -13.81 -7.03
C VAL A 159 -1.42 -12.51 -6.34
N ALA A 160 -2.06 -12.57 -5.19
CA ALA A 160 -2.37 -11.29 -4.49
C ALA A 160 -1.10 -10.91 -3.71
N SER A 161 -0.50 -9.80 -4.06
CA SER A 161 0.73 -9.29 -3.52
C SER A 161 0.62 -8.81 -2.07
N THR A 162 1.68 -9.09 -1.32
CA THR A 162 1.70 -8.68 0.10
C THR A 162 3.06 -8.08 0.42
N LYS A 163 4.06 -8.95 0.55
CA LYS A 163 5.40 -8.35 0.83
C LYS A 163 5.89 -7.45 -0.27
N ALA A 164 5.49 -7.70 -1.56
CA ALA A 164 6.02 -6.77 -2.60
C ALA A 164 5.46 -5.39 -2.35
N PHE A 165 4.22 -5.34 -1.86
CA PHE A 165 3.61 -4.02 -1.62
C PHE A 165 4.26 -3.29 -0.44
N THR A 166 4.43 -4.00 0.70
CA THR A 166 5.03 -3.33 1.87
C THR A 166 6.49 -3.00 1.62
N THR A 167 7.23 -3.88 0.93
CA THR A 167 8.62 -3.48 0.62
C THR A 167 8.64 -2.33 -0.37
N GLN A 168 7.61 -2.19 -1.22
CA GLN A 168 7.61 -1.05 -2.14
C GLN A 168 7.42 0.21 -1.34
N LEU A 169 6.49 0.15 -0.36
CA LEU A 169 6.23 1.39 0.40
C LEU A 169 7.52 1.76 1.22
N THR A 170 8.27 0.72 1.56
CA THR A 170 9.51 0.96 2.33
C THR A 170 10.52 1.67 1.46
N VAL A 171 10.75 1.15 0.25
CA VAL A 171 11.63 1.86 -0.71
C VAL A 171 11.11 3.25 -0.98
N LEU A 172 9.79 3.41 -1.14
CA LEU A 172 9.26 4.75 -1.39
C LEU A 172 9.60 5.71 -0.26
N LEU A 173 9.36 5.31 0.99
CA LEU A 173 9.59 6.22 2.16
C LEU A 173 11.09 6.56 2.25
N MET A 174 11.95 5.61 1.94
CA MET A 174 13.38 5.92 1.88
C MET A 174 13.67 6.98 0.82
N LEU A 175 13.02 6.91 -0.36
CA LEU A 175 13.23 7.95 -1.38
C LEU A 175 12.69 9.27 -0.89
N VAL A 176 11.56 9.23 -0.18
CA VAL A 176 11.03 10.51 0.31
C VAL A 176 12.09 11.14 1.26
N ALA A 177 12.69 10.25 2.06
CA ALA A 177 13.68 10.72 3.05
C ALA A 177 14.84 11.39 2.31
N LYS A 178 15.44 10.60 1.43
CA LYS A 178 16.57 11.09 0.64
C LYS A 178 16.26 12.39 -0.10
N LEU A 179 15.07 12.59 -0.61
CA LEU A 179 14.70 13.83 -1.28
C LEU A 179 14.49 14.98 -0.30
N SER A 180 14.00 14.73 0.92
CA SER A 180 13.84 15.81 1.88
C SER A 180 15.24 16.43 2.19
N ARG A 181 16.23 15.57 2.16
CA ARG A 181 17.61 15.99 2.47
C ARG A 181 18.20 16.78 1.30
N LEU A 182 18.12 16.22 0.10
CA LEU A 182 18.54 16.97 -1.10
C LEU A 182 17.89 18.32 -1.17
N LYS A 183 16.68 18.51 -0.68
CA LYS A 183 16.05 19.82 -0.72
C LYS A 183 16.46 20.68 0.46
N GLY A 184 17.34 20.15 1.31
CA GLY A 184 17.79 20.90 2.49
C GLY A 184 16.64 21.18 3.44
N LEU A 185 15.80 20.18 3.65
CA LEU A 185 14.66 20.31 4.56
C LEU A 185 15.11 19.85 5.96
N ASP A 186 14.39 20.27 6.97
CA ASP A 186 14.73 19.89 8.35
C ASP A 186 15.10 18.43 8.44
N ALA A 187 16.25 18.15 9.01
CA ALA A 187 16.80 16.83 9.19
C ALA A 187 15.92 15.89 10.00
N SER A 188 14.96 16.43 10.74
CA SER A 188 14.12 15.53 11.54
C SER A 188 13.19 14.71 10.64
N ILE A 189 12.83 15.29 9.49
CA ILE A 189 11.94 14.56 8.57
C ILE A 189 12.58 13.23 8.26
N GLU A 190 13.87 13.33 7.86
CA GLU A 190 14.54 12.06 7.55
C GLU A 190 14.71 11.11 8.72
N HIS A 191 14.98 11.65 9.92
CA HIS A 191 15.27 10.76 11.07
C HIS A 191 13.98 10.08 11.50
N ASP A 192 12.89 10.87 11.52
CA ASP A 192 11.60 10.22 11.84
C ASP A 192 11.36 9.02 10.94
N ILE A 193 11.67 9.16 9.64
CA ILE A 193 11.42 8.08 8.68
C ILE A 193 12.31 6.88 8.90
N VAL A 194 13.61 7.17 9.10
CA VAL A 194 14.54 6.05 9.35
C VAL A 194 14.15 5.31 10.64
N HIS A 195 13.70 6.07 11.63
CA HIS A 195 13.33 5.42 12.91
C HIS A 195 12.04 4.63 12.73
N GLY A 196 11.07 5.27 12.05
CA GLY A 196 9.80 4.51 11.79
C GLY A 196 10.20 3.24 11.08
N LEU A 197 11.08 3.38 10.06
CA LEU A 197 11.47 2.20 9.30
C LEU A 197 12.18 1.14 10.08
N GLN A 198 13.16 1.57 10.91
CA GLN A 198 13.87 0.52 11.69
C GLN A 198 12.95 -0.21 12.66
N ALA A 199 11.95 0.48 13.20
CA ALA A 199 10.98 -0.20 14.07
C ALA A 199 10.01 -1.10 13.31
N LEU A 200 9.82 -0.87 12.02
CA LEU A 200 8.68 -1.45 11.30
C LEU A 200 8.61 -2.94 11.38
N PRO A 201 9.72 -3.62 11.15
CA PRO A 201 9.77 -5.06 11.19
C PRO A 201 9.22 -5.62 12.48
N SER A 202 9.62 -5.01 13.63
CA SER A 202 9.17 -5.60 14.92
C SER A 202 7.72 -5.23 15.14
N ARG A 203 7.31 -4.06 14.67
CA ARG A 203 5.91 -3.65 14.75
C ARG A 203 4.98 -4.59 13.96
N ILE A 204 5.45 -5.12 12.84
CA ILE A 204 4.61 -6.03 12.04
C ILE A 204 4.60 -7.39 12.69
N GLU A 205 5.78 -7.74 13.22
CA GLU A 205 5.90 -9.02 13.95
C GLU A 205 4.90 -8.98 15.11
N GLN A 206 4.69 -7.78 15.65
CA GLN A 206 3.71 -7.68 16.74
C GLN A 206 2.30 -7.90 16.16
N MET A 207 2.00 -7.17 15.09
CA MET A 207 0.73 -7.31 14.38
C MET A 207 0.46 -8.77 14.04
N LEU A 208 1.47 -9.49 13.54
CA LEU A 208 1.31 -10.90 13.24
C LEU A 208 0.97 -11.77 14.44
N SER A 209 1.52 -11.47 15.63
CA SER A 209 1.29 -12.36 16.78
C SER A 209 -0.19 -12.38 17.16
N GLN A 210 -0.90 -11.31 16.83
CA GLN A 210 -2.32 -11.17 17.06
C GLN A 210 -3.18 -11.57 15.86
N ASP A 211 -2.69 -12.50 15.05
CA ASP A 211 -3.41 -12.99 13.89
C ASP A 211 -4.73 -13.63 14.29
N LYS A 212 -4.76 -14.28 15.48
CA LYS A 212 -5.97 -14.97 15.92
C LYS A 212 -7.15 -14.03 16.02
N ARG A 213 -6.89 -12.78 16.41
CA ARG A 213 -8.01 -11.83 16.53
C ARG A 213 -8.56 -11.46 15.14
N ILE A 214 -7.72 -11.45 14.12
CA ILE A 214 -8.19 -11.08 12.76
C ILE A 214 -9.04 -12.25 12.21
N GLU A 215 -8.57 -13.45 12.48
CA GLU A 215 -9.28 -14.68 12.14
C GLU A 215 -10.70 -14.66 12.65
N ALA A 216 -10.89 -14.20 13.89
CA ALA A 216 -12.24 -14.16 14.46
C ALA A 216 -13.07 -13.13 13.72
N LEU A 217 -12.42 -12.00 13.40
CA LEU A 217 -13.11 -10.95 12.64
C LEU A 217 -13.58 -11.44 11.26
N ALA A 218 -12.75 -12.28 10.65
CA ALA A 218 -13.01 -12.83 9.32
C ALA A 218 -14.30 -13.59 9.29
N GLU A 219 -14.70 -14.19 10.45
CA GLU A 219 -15.97 -14.87 10.49
C GLU A 219 -17.12 -13.95 10.24
N ASP A 220 -17.00 -12.67 10.61
CA ASP A 220 -18.12 -11.78 10.42
C ASP A 220 -18.21 -11.30 8.94
N PHE A 221 -17.23 -11.64 8.13
CA PHE A 221 -17.27 -11.11 6.74
C PHE A 221 -17.45 -12.23 5.74
N SER A 222 -17.20 -13.45 6.20
CA SER A 222 -17.13 -14.59 5.35
C SER A 222 -18.44 -14.92 4.64
N ASP A 223 -19.60 -14.51 5.11
CA ASP A 223 -20.85 -14.80 4.38
C ASP A 223 -21.35 -13.51 3.73
N LYS A 224 -20.55 -12.45 3.73
CA LYS A 224 -21.05 -11.17 3.18
C LYS A 224 -20.72 -11.09 1.69
N HIS A 225 -21.58 -10.37 0.97
CA HIS A 225 -21.32 -10.25 -0.49
C HIS A 225 -20.80 -8.87 -0.80
N HIS A 226 -20.89 -7.92 0.14
CA HIS A 226 -20.34 -6.60 -0.13
C HIS A 226 -19.45 -6.15 1.07
N ALA A 227 -18.72 -5.10 0.87
CA ALA A 227 -17.94 -4.46 1.98
C ALA A 227 -17.47 -3.11 1.49
N LEU A 228 -17.56 -2.09 2.33
CA LEU A 228 -17.01 -0.76 1.99
C LEU A 228 -15.82 -0.49 2.91
N PHE A 229 -14.67 -0.19 2.39
CA PHE A 229 -13.44 0.14 3.14
C PHE A 229 -13.23 1.65 3.09
N LEU A 230 -13.10 2.32 4.24
CA LEU A 230 -12.93 3.78 4.23
C LEU A 230 -11.59 4.17 4.86
N GLY A 231 -11.01 5.23 4.36
CA GLY A 231 -9.68 5.68 4.83
C GLY A 231 -9.56 7.15 4.46
N ARG A 232 -8.74 7.89 5.22
CA ARG A 232 -8.61 9.33 4.97
C ARG A 232 -7.11 9.60 4.83
N GLY A 233 -6.78 10.46 3.88
CA GLY A 233 -5.38 10.78 3.66
C GLY A 233 -4.55 9.58 3.31
N ASP A 234 -3.38 9.40 3.94
CA ASP A 234 -2.51 8.29 3.65
C ASP A 234 -3.08 6.94 4.02
N GLN A 235 -4.24 6.92 4.68
CA GLN A 235 -4.78 5.56 4.91
C GLN A 235 -5.86 5.30 3.79
N TYR A 236 -6.19 6.29 3.00
CA TYR A 236 -7.19 6.09 1.90
C TYR A 236 -6.76 5.01 0.93
N PRO A 237 -5.49 5.02 0.53
CA PRO A 237 -4.90 4.03 -0.31
C PRO A 237 -4.77 2.68 0.36
N ILE A 238 -4.74 2.68 1.71
CA ILE A 238 -4.60 1.37 2.40
C ILE A 238 -6.00 0.74 2.35
N ALA A 239 -6.99 1.60 2.47
CA ALA A 239 -8.36 1.07 2.32
C ALA A 239 -8.52 0.58 0.85
N LEU A 240 -7.95 1.31 -0.12
CA LEU A 240 -8.01 0.78 -1.49
C LEU A 240 -7.40 -0.58 -1.57
N GLU A 241 -6.19 -0.77 -0.98
CA GLU A 241 -5.52 -2.01 -1.01
C GLU A 241 -6.23 -3.10 -0.21
N GLY A 242 -6.96 -2.75 0.85
CA GLY A 242 -7.60 -3.83 1.64
C GLY A 242 -8.87 -4.31 0.83
N ALA A 243 -9.53 -3.35 0.21
CA ALA A 243 -10.71 -3.81 -0.64
C ALA A 243 -10.23 -4.60 -1.83
N LEU A 244 -9.11 -4.19 -2.46
CA LEU A 244 -8.57 -5.01 -3.58
C LEU A 244 -8.26 -6.41 -3.09
N LYS A 245 -7.54 -6.57 -1.96
CA LYS A 245 -7.25 -7.93 -1.49
C LYS A 245 -8.51 -8.74 -1.21
N LEU A 246 -9.51 -8.11 -0.59
CA LEU A 246 -10.72 -8.89 -0.32
C LEU A 246 -11.40 -9.28 -1.64
N LYS A 247 -11.43 -8.39 -2.62
CA LYS A 247 -11.97 -8.75 -3.96
C LYS A 247 -11.23 -9.91 -4.56
N GLU A 248 -9.90 -9.81 -4.54
CA GLU A 248 -9.02 -10.77 -5.17
C GLU A 248 -9.11 -12.19 -4.68
N ILE A 249 -9.10 -12.39 -3.35
CA ILE A 249 -9.06 -13.80 -2.88
C ILE A 249 -10.32 -14.27 -2.19
N SER A 250 -11.25 -13.38 -1.85
CA SER A 250 -12.51 -13.89 -1.31
C SER A 250 -13.67 -13.73 -2.33
N TYR A 251 -13.45 -12.86 -3.33
CA TYR A 251 -14.46 -12.64 -4.36
C TYR A 251 -15.65 -11.93 -3.78
N ILE A 252 -15.42 -11.21 -2.68
CA ILE A 252 -16.51 -10.43 -2.10
C ILE A 252 -16.44 -9.08 -2.80
N HIS A 253 -17.60 -8.48 -3.04
CA HIS A 253 -17.58 -7.16 -3.70
C HIS A 253 -17.27 -6.03 -2.72
N ALA A 254 -15.97 -5.91 -2.48
CA ALA A 254 -15.48 -4.88 -1.54
C ALA A 254 -14.96 -3.67 -2.35
N GLU A 255 -15.44 -2.49 -1.99
CA GLU A 255 -15.03 -1.27 -2.66
C GLU A 255 -14.46 -0.32 -1.59
N ALA A 256 -13.47 0.47 -1.97
CA ALA A 256 -12.92 1.48 -1.06
C ALA A 256 -13.46 2.84 -1.41
N TYR A 257 -13.57 3.72 -0.43
CA TYR A 257 -14.05 5.08 -0.60
C TYR A 257 -13.24 6.03 0.30
N ALA A 258 -13.07 7.27 -0.09
CA ALA A 258 -12.43 8.26 0.80
C ALA A 258 -13.44 8.43 1.92
N ALA A 259 -12.97 8.47 3.17
CA ALA A 259 -13.90 8.46 4.30
C ALA A 259 -14.85 9.62 4.23
N GLY A 260 -14.35 10.75 3.77
CA GLY A 260 -15.19 11.96 3.70
C GLY A 260 -16.27 11.88 2.62
N GLU A 261 -16.23 10.90 1.74
CA GLU A 261 -17.30 10.83 0.69
C GLU A 261 -18.38 9.83 1.02
N LEU A 262 -18.27 9.14 2.17
CA LEU A 262 -19.30 8.19 2.58
C LEU A 262 -20.67 8.83 2.46
N LYS A 263 -20.79 10.06 2.91
CA LYS A 263 -22.05 10.78 2.88
C LYS A 263 -22.46 11.25 1.49
N HIS A 264 -21.52 11.29 0.55
CA HIS A 264 -21.88 11.81 -0.79
C HIS A 264 -22.35 10.72 -1.72
N GLY A 265 -23.03 9.70 -1.20
CA GLY A 265 -23.45 8.58 -1.99
C GLY A 265 -23.65 7.23 -1.33
N PRO A 266 -22.58 6.52 -1.05
CA PRO A 266 -22.53 5.18 -0.56
C PRO A 266 -23.33 4.84 0.68
N LEU A 267 -23.74 5.83 1.46
CA LEU A 267 -24.50 5.53 2.69
C LEU A 267 -25.82 4.88 2.30
N ALA A 268 -26.34 5.27 1.13
CA ALA A 268 -27.59 4.64 0.63
C ALA A 268 -27.46 3.16 0.42
N LEU A 269 -26.28 2.61 0.19
CA LEU A 269 -26.15 1.17 0.02
C LEU A 269 -26.04 0.33 1.28
N ILE A 270 -25.62 0.95 2.39
CA ILE A 270 -25.29 0.17 3.57
C ILE A 270 -26.50 -0.51 4.20
N ASP A 271 -26.31 -1.79 4.49
CA ASP A 271 -27.22 -2.61 5.25
C ASP A 271 -26.37 -3.68 5.96
N ALA A 272 -27.00 -4.71 6.52
CA ALA A 272 -26.32 -5.76 7.23
C ALA A 272 -25.43 -6.60 6.37
N ASP A 273 -25.72 -6.58 5.06
CA ASP A 273 -24.92 -7.38 4.14
C ASP A 273 -23.74 -6.55 3.59
N MET A 274 -23.57 -5.35 4.07
CA MET A 274 -22.46 -4.52 3.66
C MET A 274 -21.67 -3.89 4.79
N PRO A 275 -20.85 -4.64 5.46
CA PRO A 275 -20.03 -4.13 6.57
C PRO A 275 -19.17 -2.98 6.09
N VAL A 276 -19.01 -1.95 6.93
CA VAL A 276 -18.11 -0.85 6.65
C VAL A 276 -16.85 -0.93 7.51
N ILE A 277 -15.70 -1.05 6.87
CA ILE A 277 -14.40 -1.06 7.54
C ILE A 277 -13.78 0.33 7.50
N VAL A 278 -13.18 0.77 8.61
CA VAL A 278 -12.51 2.08 8.66
C VAL A 278 -11.06 1.87 9.09
N VAL A 279 -10.11 2.45 8.38
CA VAL A 279 -8.69 2.22 8.58
C VAL A 279 -8.01 3.42 9.27
N ALA A 280 -7.76 3.21 10.58
CA ALA A 280 -7.01 4.17 11.40
C ALA A 280 -7.45 5.58 11.41
N PRO A 281 -8.70 5.84 11.75
CA PRO A 281 -9.26 7.16 11.80
C PRO A 281 -8.82 7.87 13.09
N ASN A 282 -8.77 9.19 13.09
CA ASN A 282 -8.55 9.91 14.35
C ASN A 282 -9.92 10.12 14.96
N ASN A 283 -10.01 10.79 16.10
CA ASN A 283 -11.26 10.98 16.81
C ASN A 283 -12.28 11.77 16.04
N GLU A 284 -11.84 12.89 15.47
CA GLU A 284 -12.74 13.77 14.71
C GLU A 284 -13.42 13.01 13.57
N LEU A 285 -12.67 12.24 12.80
CA LEU A 285 -13.19 11.46 11.70
C LEU A 285 -14.11 10.34 12.21
N LEU A 286 -13.63 9.58 13.19
CA LEU A 286 -14.53 8.53 13.74
C LEU A 286 -15.82 9.14 14.24
N GLU A 287 -15.84 10.34 14.83
CA GLU A 287 -17.15 10.86 15.27
C GLU A 287 -18.11 11.04 14.11
N LYS A 288 -17.57 11.53 12.99
CA LYS A 288 -18.41 11.74 11.79
C LYS A 288 -18.92 10.39 11.28
N LEU A 289 -18.00 9.44 11.15
CA LEU A 289 -18.41 8.11 10.67
C LEU A 289 -19.42 7.46 11.57
N LYS A 290 -19.33 7.66 12.90
CA LYS A 290 -20.32 7.00 13.78
C LYS A 290 -21.65 7.70 13.57
N SER A 291 -21.58 9.03 13.39
CA SER A 291 -22.83 9.71 13.12
C SER A 291 -23.41 9.17 11.80
N ASN A 292 -22.55 8.92 10.81
CA ASN A 292 -23.07 8.39 9.53
C ASN A 292 -23.68 7.01 9.70
N ILE A 293 -22.96 6.13 10.40
CA ILE A 293 -23.47 4.75 10.55
C ILE A 293 -24.76 4.75 11.34
N GLU A 294 -24.93 5.73 12.23
CA GLU A 294 -26.16 5.79 13.03
C GLU A 294 -27.36 6.03 12.10
N GLU A 295 -27.17 6.87 11.08
CA GLU A 295 -28.20 7.11 10.08
C GLU A 295 -28.74 5.85 9.45
N VAL A 296 -27.98 4.78 9.41
CA VAL A 296 -28.38 3.50 8.85
C VAL A 296 -28.50 2.37 9.85
N ARG A 297 -28.77 2.74 11.11
CA ARG A 297 -28.99 1.69 12.15
C ARG A 297 -30.22 0.87 11.85
N ALA A 298 -31.25 1.54 11.31
CA ALA A 298 -32.49 0.80 10.94
C ALA A 298 -32.25 -0.34 9.99
N ARG A 299 -31.16 -0.28 9.21
CA ARG A 299 -30.84 -1.40 8.32
C ARG A 299 -29.71 -2.24 8.82
N GLY A 300 -29.31 -2.10 10.12
CA GLY A 300 -28.22 -2.95 10.61
C GLY A 300 -26.84 -2.55 10.11
N GLY A 301 -26.65 -1.25 9.86
CA GLY A 301 -25.33 -0.84 9.38
C GLY A 301 -24.32 -0.99 10.54
N GLN A 302 -23.18 -1.53 10.21
CA GLN A 302 -22.10 -1.74 11.14
C GLN A 302 -20.74 -1.26 10.64
N LEU A 303 -20.06 -0.60 11.55
CA LEU A 303 -18.69 -0.13 11.40
C LEU A 303 -17.69 -1.01 12.11
N TYR A 304 -16.62 -1.38 11.44
CA TYR A 304 -15.52 -2.17 11.93
C TYR A 304 -14.26 -1.28 11.82
N VAL A 305 -13.76 -0.87 12.97
CA VAL A 305 -12.71 0.16 13.02
C VAL A 305 -11.36 -0.33 13.48
N PHE A 306 -10.38 -0.29 12.59
CA PHE A 306 -9.03 -0.73 12.95
C PHE A 306 -8.39 0.52 13.57
N ALA A 307 -7.98 0.48 14.84
CA ALA A 307 -7.51 1.78 15.38
C ALA A 307 -6.54 1.63 16.59
N ASP A 308 -5.74 2.67 16.70
CA ASP A 308 -4.74 2.75 17.76
C ASP A 308 -5.43 2.63 19.14
N GLN A 309 -5.04 1.59 19.86
CA GLN A 309 -5.62 1.48 21.21
C GLN A 309 -5.54 2.79 22.00
N ASP A 310 -4.48 3.60 21.81
CA ASP A 310 -4.37 4.87 22.46
C ASP A 310 -5.48 5.85 22.13
N ALA A 311 -6.28 5.63 21.09
CA ALA A 311 -7.31 6.67 20.83
C ALA A 311 -8.39 6.61 21.86
N GLY A 312 -8.48 5.50 22.59
CA GLY A 312 -9.53 5.40 23.61
C GLY A 312 -10.89 5.10 23.03
N PHE A 313 -10.98 4.58 21.78
CA PHE A 313 -12.32 4.32 21.23
C PHE A 313 -12.95 3.13 21.93
N VAL A 314 -14.29 3.20 22.10
CA VAL A 314 -14.99 2.11 22.73
C VAL A 314 -16.10 1.50 21.80
N SER A 315 -16.08 0.18 21.74
CA SER A 315 -17.03 -0.54 20.94
C SER A 315 -18.45 -0.36 21.47
N SER A 316 -19.37 -0.27 20.52
CA SER A 316 -20.79 -0.16 20.75
C SER A 316 -21.48 -1.27 19.93
N ASP A 317 -22.81 -1.32 20.00
CA ASP A 317 -23.47 -2.41 19.25
C ASP A 317 -23.22 -2.31 17.75
N ASN A 318 -23.05 -1.14 17.17
CA ASN A 318 -22.83 -1.11 15.71
C ASN A 318 -21.48 -0.53 15.35
N MET A 319 -20.55 -0.52 16.31
CA MET A 319 -19.19 0.01 16.00
C MET A 319 -18.24 -0.85 16.78
N HIS A 320 -17.51 -1.66 16.06
CA HIS A 320 -16.56 -2.58 16.62
C HIS A 320 -15.13 -2.11 16.49
N ILE A 321 -14.52 -1.79 17.64
CA ILE A 321 -13.08 -1.33 17.59
C ILE A 321 -12.19 -2.53 17.55
N ILE A 322 -11.27 -2.58 16.58
CA ILE A 322 -10.36 -3.70 16.47
C ILE A 322 -8.99 -3.06 16.82
N GLU A 323 -8.66 -3.20 18.11
CA GLU A 323 -7.56 -2.40 18.66
C GLU A 323 -6.21 -2.87 18.19
N MET A 324 -5.40 -1.83 17.88
CA MET A 324 -4.03 -2.12 17.45
C MET A 324 -3.04 -1.31 18.35
N PRO A 325 -1.86 -1.84 18.39
CA PRO A 325 -0.75 -1.20 19.10
C PRO A 325 -0.54 0.18 18.47
N HIS A 326 -0.03 1.11 19.24
CA HIS A 326 0.35 2.43 18.73
C HIS A 326 1.57 2.24 17.84
N VAL A 327 1.74 3.10 16.81
CA VAL A 327 2.89 2.88 15.92
C VAL A 327 3.23 4.28 15.43
N GLU A 328 4.39 4.42 14.86
CA GLU A 328 4.80 5.76 14.38
C GLU A 328 3.95 6.18 13.19
N GLU A 329 3.41 7.36 13.16
CA GLU A 329 2.57 7.90 12.14
C GLU A 329 3.17 7.72 10.75
N VAL A 330 4.46 7.98 10.58
CA VAL A 330 5.11 7.89 9.29
C VAL A 330 5.02 6.51 8.68
N ILE A 331 4.97 5.44 9.49
CA ILE A 331 4.90 4.09 8.90
C ILE A 331 3.50 3.49 9.14
N ALA A 332 2.58 4.31 9.65
CA ALA A 332 1.27 3.66 9.91
C ALA A 332 0.57 3.04 8.71
N PRO A 333 0.64 3.61 7.53
CA PRO A 333 0.01 3.08 6.30
C PRO A 333 0.52 1.70 6.02
N ILE A 334 1.84 1.50 6.21
CA ILE A 334 2.38 0.16 5.96
C ILE A 334 1.89 -0.84 6.97
N PHE A 335 1.79 -0.36 8.21
CA PHE A 335 1.48 -1.30 9.34
C PHE A 335 -0.01 -1.68 9.24
N TYR A 336 -0.84 -0.70 8.92
CA TYR A 336 -2.29 -1.00 8.82
C TYR A 336 -2.70 -1.84 7.62
N THR A 337 -1.77 -2.07 6.69
CA THR A 337 -1.99 -2.95 5.56
C THR A 337 -2.08 -4.38 6.06
N VAL A 338 -1.19 -4.70 7.02
CA VAL A 338 -1.09 -6.10 7.47
C VAL A 338 -2.39 -6.73 7.90
N PRO A 339 -3.13 -6.14 8.81
CA PRO A 339 -4.39 -6.68 9.30
C PRO A 339 -5.38 -6.86 8.13
N LEU A 340 -5.32 -5.96 7.15
CA LEU A 340 -6.23 -6.08 5.97
C LEU A 340 -5.79 -7.23 5.12
N GLN A 341 -4.49 -7.53 4.96
CA GLN A 341 -4.09 -8.71 4.22
C GLN A 341 -4.55 -9.98 4.91
N LEU A 342 -4.38 -9.96 6.26
CA LEU A 342 -4.76 -11.16 7.04
C LEU A 342 -6.26 -11.32 7.04
N LEU A 343 -6.98 -10.19 7.02
CA LEU A 343 -8.44 -10.37 7.02
C LEU A 343 -8.87 -11.11 5.73
N ALA A 344 -8.36 -10.62 4.60
CA ALA A 344 -8.71 -11.24 3.29
C ALA A 344 -8.30 -12.69 3.29
N TYR A 345 -7.06 -12.96 3.75
CA TYR A 345 -6.57 -14.33 3.76
C TYR A 345 -7.41 -15.28 4.58
N HIS A 346 -7.86 -14.82 5.78
CA HIS A 346 -8.67 -15.71 6.64
C HIS A 346 -10.07 -15.87 6.08
N VAL A 347 -10.58 -14.81 5.42
CA VAL A 347 -11.95 -14.98 4.80
C VAL A 347 -11.84 -16.06 3.70
N ALA A 348 -10.76 -15.97 2.91
CA ALA A 348 -10.55 -16.95 1.82
C ALA A 348 -10.41 -18.36 2.31
N LEU A 349 -9.72 -18.52 3.46
CA LEU A 349 -9.52 -19.81 4.09
C LEU A 349 -10.85 -20.41 4.53
N ILE A 350 -11.65 -19.54 5.18
CA ILE A 350 -12.95 -20.05 5.68
C ILE A 350 -13.82 -20.52 4.52
N LYS A 351 -13.86 -19.67 3.46
CA LYS A 351 -14.63 -19.99 2.27
C LYS A 351 -13.99 -21.15 1.51
N GLY A 352 -12.69 -21.35 1.62
CA GLY A 352 -12.00 -22.39 0.87
C GLY A 352 -11.74 -21.95 -0.59
N THR A 353 -11.57 -20.66 -0.84
CA THR A 353 -11.21 -20.21 -2.19
C THR A 353 -9.73 -20.41 -2.46
N ASP A 354 -9.35 -20.31 -3.73
CA ASP A 354 -7.95 -20.55 -4.17
C ASP A 354 -7.10 -19.35 -3.91
N VAL A 355 -6.58 -19.30 -2.66
CA VAL A 355 -5.75 -18.19 -2.26
C VAL A 355 -4.60 -17.85 -3.19
N ASP A 356 -3.75 -18.83 -3.52
CA ASP A 356 -2.56 -18.50 -4.28
C ASP A 356 -2.82 -18.26 -5.80
N GLN A 357 -3.93 -18.77 -6.29
CA GLN A 357 -4.33 -18.53 -7.71
C GLN A 357 -5.82 -18.29 -7.80
N PRO A 358 -6.25 -17.12 -7.39
CA PRO A 358 -7.65 -16.74 -7.35
C PRO A 358 -8.25 -16.84 -8.75
N ARG A 359 -9.54 -17.13 -8.90
CA ARG A 359 -10.09 -17.39 -10.22
C ARG A 359 -9.86 -16.21 -11.18
N ASN A 360 -9.49 -16.57 -12.42
CA ASN A 360 -9.34 -15.61 -13.51
C ASN A 360 -8.22 -14.61 -13.36
N LEU A 361 -7.31 -14.79 -12.39
CA LEU A 361 -6.22 -13.82 -12.24
C LEU A 361 -4.87 -14.45 -12.47
N ALA A 362 -3.87 -13.63 -12.75
CA ALA A 362 -2.50 -14.10 -12.98
C ALA A 362 -1.55 -13.14 -12.27
N LYS A 363 -0.42 -13.67 -11.82
CA LYS A 363 0.57 -12.89 -11.07
C LYS A 363 0.86 -11.58 -11.78
N SER A 364 1.28 -11.65 -13.05
CA SER A 364 1.53 -10.42 -13.80
C SER A 364 0.80 -10.45 -15.14
N VAL A 365 0.29 -9.30 -15.53
CA VAL A 365 -0.45 -9.18 -16.80
C VAL A 365 0.52 -8.63 -17.84
N THR A 366 1.13 -9.59 -18.52
CA THR A 366 2.16 -9.30 -19.51
C THR A 366 1.61 -8.89 -20.87
N VAL A 367 0.32 -8.63 -20.96
CA VAL A 367 -0.31 -8.16 -22.18
C VAL A 367 -1.16 -6.93 -21.82
N GLU A 368 -1.41 -6.06 -22.81
CA GLU A 368 -2.22 -4.87 -22.52
C GLU A 368 -3.71 -5.18 -22.62
#